data_5I25
#
_entry.id   5I25
#
_cell.length_a   80.590
_cell.length_b   80.590
_cell.length_c   251.810
_cell.angle_alpha   90.00
_cell.angle_beta   90.00
_cell.angle_gamma   90.00
#
_symmetry.space_group_name_H-M   'P 43 21 2'
#
loop_
_entity.id
_entity.type
_entity.pdbx_description
1 polymer 'Coagulation factor XI'
2 polymer ASN-PRO-ILE-SER-ASP-PHE-PRO-ASP
3 non-polymer 2-acetamido-2-deoxy-beta-D-glucopyranose
4 water water
#
loop_
_entity_poly.entity_id
_entity_poly.type
_entity_poly.pdbx_seq_one_letter_code
_entity_poly.pdbx_strand_id
1 'polypeptide(L)'
;ECVTQLLKDTCFEGGDITTVFTPSAKYCQVVCTYHPRCLLFTFTAESPSEDPTRWFTCVLKDSVTETLPRVNRTAAISGY
SFKQCSHQISACNKDIYVDLDMKGINYNSSVAKSAQECQERCTDDVHCHFFTYATRQFPSLEHRNICLLKHTQTGTPTRI
TKLDKVVSGFSLKSCALSNLACIRDIFPNTVFADSNIDSVMAPDAFVCGRICTHHPGCLFFTFFSQEWPKESQRNLCLLK
TSESGLPSTRIKKSKALSGFSLQSCRHSIPVFCHSSFYHDTDFLGEELDIVAAKSHEACQKLCTNAVRCQFFTYTPAQAS
CNEGKGKCYLKLSSNGSPTKILHGRGGISGYTLRLCKMDNECTTKIKPRIVGGTASVRGEWPWQVTLHTTSPTQRHLCGG
SIIGNQWILTAAHCFYGVESPKILRVYSGILNQSEIKEDTSFFGVQEIIIHDQYKMAESGYDIALLKLETTVNYTDSQRP
ICLPSKGDRNVIYTDCWVTGWGYRKLRDKIQNTLQKAKIPLVTNEECQKRYRGHKITHKMICAGYREGGKDACKGDSGGP
LSCKHNEVWHLVGITSWGEGCAQRERPGVYTNVVEYVDWILEKTQAV
;
A
2 'polypeptide(L)' NPISDFPD B
#
loop_
_chem_comp.id
_chem_comp.type
_chem_comp.name
_chem_comp.formula
NAG D-saccharide, beta linking 2-acetamido-2-deoxy-beta-D-glucopyranose 'C8 H15 N O6'
#
# COMPACT_ATOMS: atom_id res chain seq x y z
N GLU A 1 -2.65 -10.15 -21.05
CA GLU A 1 -3.88 -10.88 -21.33
C GLU A 1 -4.70 -11.09 -20.06
N CYS A 2 -5.40 -10.05 -19.63
CA CYS A 2 -6.20 -10.11 -18.44
C CYS A 2 -7.56 -10.54 -18.92
N VAL A 3 -8.00 -11.67 -18.39
CA VAL A 3 -9.38 -12.03 -18.38
C VAL A 3 -9.77 -11.67 -16.95
N THR A 4 -10.30 -10.47 -16.77
CA THR A 4 -10.76 -9.99 -15.48
C THR A 4 -12.12 -10.54 -15.21
N GLN A 5 -12.84 -10.75 -16.31
CA GLN A 5 -14.23 -11.22 -16.31
C GLN A 5 -14.36 -12.59 -15.72
N LEU A 6 -15.28 -12.72 -14.76
CA LEU A 6 -15.59 -14.03 -14.22
C LEU A 6 -16.35 -14.88 -15.23
N LEU A 7 -16.36 -16.18 -15.01
CA LEU A 7 -16.96 -17.14 -15.95
C LEU A 7 -18.12 -17.87 -15.29
N LYS A 8 -19.33 -17.59 -15.77
CA LYS A 8 -20.53 -18.13 -15.14
C LYS A 8 -20.63 -19.64 -15.33
N ASP A 9 -21.14 -20.30 -14.31
CA ASP A 9 -21.43 -21.71 -14.41
C ASP A 9 -20.32 -22.45 -15.13
N THR A 10 -19.10 -22.25 -14.66
CA THR A 10 -17.92 -22.92 -15.20
C THR A 10 -17.05 -23.47 -14.08
N CYS A 11 -16.53 -24.67 -14.27
CA CYS A 11 -15.59 -25.28 -13.34
C CYS A 11 -14.29 -25.56 -14.10
N PHE A 12 -13.14 -25.25 -13.49
CA PHE A 12 -11.81 -25.50 -14.07
C PHE A 12 -11.36 -26.85 -13.57
N GLU A 13 -11.07 -27.80 -14.45
CA GLU A 13 -10.82 -29.14 -13.96
C GLU A 13 -9.38 -29.36 -13.51
N GLY A 14 -9.23 -29.68 -12.21
CA GLY A 14 -7.96 -30.10 -11.65
C GLY A 14 -6.94 -29.00 -11.45
N GLY A 15 -5.75 -29.39 -11.02
CA GLY A 15 -4.66 -28.43 -10.84
C GLY A 15 -4.74 -27.78 -9.48
N ASP A 16 -5.61 -28.28 -8.64
CA ASP A 16 -5.76 -27.70 -7.33
C ASP A 16 -4.41 -27.51 -6.61
N ILE A 17 -4.25 -26.35 -5.97
CA ILE A 17 -3.16 -26.11 -5.04
C ILE A 17 -3.78 -26.34 -3.69
N THR A 18 -4.76 -25.53 -3.36
CA THR A 18 -5.42 -25.65 -2.06
C THR A 18 -6.87 -25.21 -2.12
N THR A 19 -7.53 -25.24 -0.97
CA THR A 19 -8.92 -24.82 -0.94
C THR A 19 -9.13 -23.93 0.26
N VAL A 20 -9.88 -22.84 0.05
CA VAL A 20 -10.11 -21.89 1.11
C VAL A 20 -11.58 -21.56 1.02
N PHE A 21 -12.07 -20.70 1.89
CA PHE A 21 -13.46 -20.29 1.83
C PHE A 21 -13.55 -18.79 1.77
N THR A 22 -14.16 -18.28 0.71
CA THR A 22 -14.33 -16.84 0.48
C THR A 22 -15.80 -16.43 0.37
N PRO A 23 -16.15 -15.21 0.81
CA PRO A 23 -17.56 -14.83 0.64
C PRO A 23 -18.00 -14.83 -0.82
N SER A 24 -17.23 -14.20 -1.69
CA SER A 24 -17.57 -14.15 -3.11
C SER A 24 -16.51 -14.77 -4.01
N ALA A 25 -16.92 -15.07 -5.24
CA ALA A 25 -16.00 -15.47 -6.30
C ALA A 25 -15.08 -14.31 -6.55
N LYS A 26 -15.64 -13.11 -6.48
CA LYS A 26 -14.86 -11.91 -6.67
C LYS A 26 -13.70 -11.82 -5.69
N TYR A 27 -13.91 -12.24 -4.44
CA TYR A 27 -12.84 -12.24 -3.46
C TYR A 27 -11.88 -13.42 -3.66
N CYS A 28 -12.43 -14.55 -4.05
CA CYS A 28 -11.65 -15.69 -4.47
C CYS A 28 -10.59 -15.20 -5.45
N GLN A 29 -11.01 -14.45 -6.47
CA GLN A 29 -10.09 -13.93 -7.49
C GLN A 29 -8.96 -13.11 -6.84
N VAL A 30 -9.29 -12.34 -5.82
CA VAL A 30 -8.26 -11.59 -5.12
C VAL A 30 -7.31 -12.52 -4.39
N VAL A 31 -7.85 -13.52 -3.68
CA VAL A 31 -7.06 -14.53 -3.00
C VAL A 31 -6.12 -15.27 -3.95
N CYS A 32 -6.61 -15.59 -5.14
CA CYS A 32 -5.85 -16.25 -6.20
C CYS A 32 -4.72 -15.37 -6.72
N THR A 33 -4.97 -14.08 -6.79
CA THR A 33 -3.99 -13.15 -7.26
C THR A 33 -2.83 -13.09 -6.29
N TYR A 34 -3.15 -13.09 -5.00
CA TYR A 34 -2.15 -12.84 -3.98
C TYR A 34 -1.39 -14.06 -3.45
N HIS A 35 -1.86 -15.24 -3.82
CA HIS A 35 -1.17 -16.47 -3.50
C HIS A 35 -0.05 -16.67 -4.53
N PRO A 36 1.12 -17.15 -4.08
CA PRO A 36 2.31 -17.18 -4.92
C PRO A 36 2.23 -18.12 -6.08
N ARG A 37 1.47 -19.21 -5.99
CA ARG A 37 1.34 -20.08 -7.16
C ARG A 37 0.07 -19.93 -8.04
N CYS A 38 -0.95 -19.22 -7.58
CA CYS A 38 -2.28 -19.36 -8.20
C CYS A 38 -2.46 -18.61 -9.54
N LEU A 39 -2.71 -19.33 -10.62
CA LEU A 39 -3.09 -18.66 -11.85
C LEU A 39 -4.58 -18.55 -12.11
N LEU A 40 -5.36 -19.44 -11.50
CA LEU A 40 -6.79 -19.53 -11.78
C LEU A 40 -7.47 -20.27 -10.67
N PHE A 41 -8.80 -20.17 -10.65
CA PHE A 41 -9.61 -20.67 -9.55
C PHE A 41 -11.06 -21.07 -9.95
N THR A 42 -11.71 -21.87 -9.12
CA THR A 42 -13.10 -22.22 -9.35
C THR A 42 -13.90 -22.01 -8.06
N PHE A 43 -14.91 -21.14 -8.09
CA PHE A 43 -15.68 -20.86 -6.88
C PHE A 43 -17.03 -21.55 -6.95
N THR A 44 -17.51 -22.01 -5.79
CA THR A 44 -18.82 -22.65 -5.71
C THR A 44 -19.79 -21.82 -4.89
N ALA A 45 -20.75 -21.17 -5.58
CA ALA A 45 -21.77 -20.32 -4.96
C ALA A 45 -22.88 -21.11 -4.27
N GLU A 46 -23.56 -20.46 -3.33
CA GLU A 46 -24.71 -21.02 -2.63
C GLU A 46 -25.84 -21.32 -3.62
N SER A 47 -26.32 -22.57 -3.60
CA SER A 47 -27.34 -23.02 -4.54
C SER A 47 -27.69 -24.50 -4.35
N PRO A 48 -28.96 -24.86 -4.66
CA PRO A 48 -29.52 -26.20 -4.45
C PRO A 48 -28.65 -27.27 -5.07
N SER A 49 -28.11 -26.98 -6.26
CA SER A 49 -27.34 -27.97 -7.00
C SER A 49 -26.14 -28.46 -6.23
N GLU A 50 -25.82 -27.77 -5.13
CA GLU A 50 -24.67 -28.13 -4.32
C GLU A 50 -25.04 -28.17 -2.84
N ASP A 51 -24.47 -29.13 -2.13
CA ASP A 51 -24.60 -29.21 -0.68
C ASP A 51 -24.02 -27.98 -0.01
N PRO A 52 -24.60 -27.59 1.14
CA PRO A 52 -24.13 -26.46 1.95
C PRO A 52 -22.64 -26.47 2.29
N THR A 53 -22.03 -27.64 2.43
CA THR A 53 -20.63 -27.70 2.82
C THR A 53 -19.71 -27.10 1.78
N ARG A 54 -20.09 -27.17 0.52
CA ARG A 54 -19.22 -26.74 -0.57
C ARG A 54 -19.50 -25.32 -1.04
N TRP A 55 -20.45 -24.64 -0.41
CA TRP A 55 -20.67 -23.26 -0.77
C TRP A 55 -19.52 -22.46 -0.24
N PHE A 56 -19.17 -21.39 -0.94
CA PHE A 56 -18.06 -20.51 -0.60
C PHE A 56 -16.75 -21.24 -0.67
N THR A 57 -16.72 -22.30 -1.45
CA THR A 57 -15.48 -22.99 -1.68
C THR A 57 -14.75 -22.30 -2.82
N CYS A 58 -13.53 -21.93 -2.52
CA CYS A 58 -12.67 -21.20 -3.42
C CYS A 58 -11.46 -22.10 -3.60
N VAL A 59 -11.30 -22.63 -4.79
CA VAL A 59 -10.22 -23.58 -5.09
C VAL A 59 -9.16 -22.93 -5.98
N LEU A 60 -7.96 -22.80 -5.43
CA LEU A 60 -6.84 -22.13 -6.08
C LEU A 60 -6.11 -23.14 -6.96
N LYS A 61 -5.86 -22.80 -8.21
CA LYS A 61 -5.31 -23.79 -9.12
C LYS A 61 -4.06 -23.27 -9.82
N ASP A 62 -3.33 -24.18 -10.43
CA ASP A 62 -2.17 -23.85 -11.23
C ASP A 62 -2.16 -24.81 -12.42
N SER A 63 -1.58 -24.35 -13.53
CA SER A 63 -1.44 -25.11 -14.75
C SER A 63 -0.18 -24.63 -15.40
N VAL A 64 0.50 -25.51 -16.09
CA VAL A 64 1.79 -25.16 -16.64
C VAL A 64 1.60 -24.51 -17.99
N THR A 65 0.38 -24.67 -18.50
CA THR A 65 -0.06 -24.09 -19.74
C THR A 65 -0.72 -22.78 -19.43
N GLU A 66 -0.89 -22.49 -18.13
CA GLU A 66 -1.49 -21.23 -17.69
C GLU A 66 -3.02 -21.23 -17.81
N THR A 67 -3.56 -22.37 -18.22
CA THR A 67 -5.01 -22.51 -18.22
C THR A 67 -5.46 -23.95 -17.97
N LEU A 68 -6.77 -24.18 -17.95
CA LEU A 68 -7.31 -25.52 -17.72
C LEU A 68 -8.58 -25.76 -18.55
N PRO A 69 -8.91 -27.04 -18.77
CA PRO A 69 -10.20 -27.45 -19.33
C PRO A 69 -11.38 -26.90 -18.54
N ARG A 70 -12.30 -26.30 -19.29
CA ARG A 70 -13.53 -25.77 -18.73
C ARG A 70 -14.67 -26.77 -18.86
N VAL A 71 -15.27 -27.17 -17.75
CA VAL A 71 -16.50 -27.93 -17.84
C VAL A 71 -17.62 -27.12 -17.17
N ASN A 72 -18.80 -27.11 -17.81
CA ASN A 72 -19.90 -26.34 -17.26
C ASN A 72 -20.38 -27.02 -16.02
N ARG A 73 -20.74 -26.21 -15.04
CA ARG A 73 -21.47 -26.69 -13.90
C ARG A 73 -22.26 -25.55 -13.29
N THR A 74 -23.43 -25.88 -12.76
CA THR A 74 -24.29 -24.88 -12.15
C THR A 74 -23.64 -24.46 -10.83
N ALA A 75 -23.66 -23.15 -10.55
CA ALA A 75 -23.15 -22.62 -9.28
C ALA A 75 -21.62 -22.47 -9.24
N ALA A 76 -20.97 -22.89 -10.31
CA ALA A 76 -19.52 -22.77 -10.40
C ALA A 76 -19.11 -21.45 -11.07
N ILE A 77 -18.36 -20.62 -10.36
CA ILE A 77 -17.79 -19.42 -10.95
C ILE A 77 -16.28 -19.53 -10.99
N SER A 78 -15.67 -19.18 -12.12
CA SER A 78 -14.25 -19.42 -12.33
C SER A 78 -13.55 -18.22 -12.92
N GLY A 79 -12.29 -18.02 -12.57
CA GLY A 79 -11.58 -16.87 -13.06
C GLY A 79 -10.08 -17.07 -13.19
N TYR A 80 -9.39 -16.03 -13.64
CA TYR A 80 -7.96 -16.04 -13.76
C TYR A 80 -7.50 -15.02 -12.76
N SER A 81 -6.25 -15.11 -12.30
CA SER A 81 -5.75 -14.16 -11.31
C SER A 81 -5.41 -12.85 -12.01
N PHE A 82 -5.01 -11.82 -11.26
CA PHE A 82 -4.60 -10.56 -11.88
C PHE A 82 -3.09 -10.45 -12.10
N LYS A 83 -2.32 -11.50 -11.78
CA LYS A 83 -0.88 -11.45 -11.96
C LYS A 83 -0.60 -11.04 -13.40
N GLN A 84 -1.50 -11.44 -14.27
CA GLN A 84 -1.31 -11.38 -15.70
C GLN A 84 -1.63 -9.97 -16.24
N CYS A 85 -1.95 -9.04 -15.33
CA CYS A 85 -2.57 -7.77 -15.69
C CYS A 85 -1.75 -6.55 -15.36
N SER A 86 -1.92 -5.52 -16.20
CA SER A 86 -1.18 -4.27 -16.06
C SER A 86 -1.81 -3.36 -15.02
N HIS A 87 -3.14 -3.45 -14.92
CA HIS A 87 -3.88 -2.64 -13.97
C HIS A 87 -3.53 -2.96 -12.53
N GLN A 88 -3.43 -1.92 -11.73
CA GLN A 88 -3.12 -2.03 -10.32
C GLN A 88 -4.15 -2.87 -9.57
N ILE A 89 -3.71 -3.49 -8.48
CA ILE A 89 -4.63 -4.30 -7.68
C ILE A 89 -4.57 -3.94 -6.21
N SER A 90 -5.71 -4.18 -5.54
CA SER A 90 -5.85 -3.89 -4.13
C SER A 90 -6.39 -5.10 -3.42
N ALA A 91 -5.93 -5.31 -2.20
CA ALA A 91 -6.49 -6.38 -1.40
C ALA A 91 -7.71 -5.94 -0.60
N CYS A 92 -8.14 -4.69 -0.78
CA CYS A 92 -9.10 -4.11 0.13
C CYS A 92 -10.56 -4.29 -0.25
N ASN A 93 -11.26 -5.05 0.57
CA ASN A 93 -12.61 -5.45 0.29
C ASN A 93 -13.54 -4.82 1.32
N LYS A 94 -14.40 -3.91 0.88
CA LYS A 94 -15.24 -3.18 1.82
C LYS A 94 -16.62 -3.82 2.01
N ASP A 95 -16.84 -4.96 1.35
CA ASP A 95 -18.10 -5.69 1.44
C ASP A 95 -18.52 -6.11 2.86
N ILE A 96 -19.73 -5.70 3.26
CA ILE A 96 -20.41 -6.33 4.38
C ILE A 96 -21.32 -7.41 3.82
N TYR A 97 -21.28 -8.61 4.41
CA TYR A 97 -22.05 -9.73 3.90
C TYR A 97 -23.23 -10.02 4.83
N VAL A 98 -24.44 -9.84 4.29
CA VAL A 98 -25.68 -10.04 5.04
C VAL A 98 -26.09 -11.52 5.15
N ASP A 99 -26.45 -11.90 6.36
CA ASP A 99 -26.86 -13.26 6.68
C ASP A 99 -25.72 -14.23 6.39
N LEU A 100 -24.50 -13.74 6.54
CA LEU A 100 -23.35 -14.60 6.35
C LEU A 100 -22.54 -14.66 7.63
N ASP A 101 -22.21 -15.87 8.06
CA ASP A 101 -21.36 -16.06 9.24
C ASP A 101 -20.09 -16.74 8.78
N MET A 102 -18.98 -16.02 8.95
CA MET A 102 -17.66 -16.47 8.55
C MET A 102 -16.91 -16.95 9.79
N LYS A 103 -16.70 -18.26 9.90
CA LYS A 103 -16.13 -18.85 11.11
C LYS A 103 -14.61 -18.67 11.28
N GLY A 104 -14.17 -18.59 12.52
CA GLY A 104 -12.76 -18.49 12.85
C GLY A 104 -12.48 -18.67 14.34
N ILE A 105 -11.28 -18.32 14.78
CA ILE A 105 -10.98 -18.32 16.20
C ILE A 105 -11.58 -17.04 16.74
N ASN A 106 -12.53 -17.13 17.68
CA ASN A 106 -13.14 -15.90 18.21
C ASN A 106 -12.38 -15.49 19.45
N TYR A 107 -11.60 -14.42 19.33
CA TYR A 107 -10.76 -13.97 20.43
C TYR A 107 -11.28 -12.76 21.20
N ASN A 108 -12.34 -12.15 20.72
CA ASN A 108 -12.92 -11.04 21.46
C ASN A 108 -14.39 -10.87 21.17
N SER A 109 -15.16 -10.53 22.19
CA SER A 109 -16.59 -10.35 22.02
C SER A 109 -17.05 -9.09 22.71
N SER A 110 -17.85 -8.29 22.03
CA SER A 110 -18.32 -7.05 22.63
C SER A 110 -19.58 -6.52 21.99
N VAL A 111 -20.06 -5.42 22.54
CA VAL A 111 -21.24 -4.74 22.04
C VAL A 111 -20.84 -3.65 21.07
N ALA A 112 -21.54 -3.57 19.96
CA ALA A 112 -21.28 -2.52 18.98
C ALA A 112 -22.57 -1.89 18.51
N LYS A 113 -22.53 -0.58 18.33
CA LYS A 113 -23.67 0.19 17.90
C LYS A 113 -24.10 -0.14 16.48
N SER A 114 -23.25 -0.84 15.74
CA SER A 114 -23.56 -1.20 14.35
C SER A 114 -22.44 -2.00 13.66
N ALA A 115 -22.77 -2.55 12.50
CA ALA A 115 -21.78 -3.23 11.69
C ALA A 115 -20.56 -2.33 11.45
N GLN A 116 -20.80 -1.12 10.98
CA GLN A 116 -19.68 -0.23 10.70
C GLN A 116 -18.77 -0.13 11.91
N GLU A 117 -19.31 0.25 13.05
CA GLU A 117 -18.50 0.36 14.26
C GLU A 117 -17.79 -0.94 14.64
N CYS A 118 -18.48 -2.08 14.46
CA CYS A 118 -17.87 -3.39 14.68
C CYS A 118 -16.64 -3.54 13.78
N GLN A 119 -16.79 -3.10 12.54
CA GLN A 119 -15.73 -3.21 11.54
C GLN A 119 -14.54 -2.29 11.85
N GLU A 120 -14.81 -1.10 12.39
CA GLU A 120 -13.75 -0.18 12.72
C GLU A 120 -12.92 -0.76 13.86
N ARG A 121 -13.58 -1.56 14.70
CA ARG A 121 -12.91 -2.31 15.73
C ARG A 121 -12.04 -3.45 15.16
N CYS A 122 -12.61 -4.28 14.28
CA CYS A 122 -11.84 -5.28 13.57
C CYS A 122 -10.59 -4.69 12.91
N THR A 123 -10.73 -3.49 12.38
CA THR A 123 -9.65 -2.87 11.62
C THR A 123 -8.64 -2.26 12.53
N ASP A 124 -9.10 -1.76 13.66
CA ASP A 124 -8.23 -1.02 14.54
C ASP A 124 -7.50 -1.97 15.47
N ASP A 125 -7.81 -3.25 15.35
CA ASP A 125 -7.28 -4.26 16.26
C ASP A 125 -6.10 -5.03 15.68
N VAL A 126 -5.15 -5.41 16.53
CA VAL A 126 -3.95 -6.06 16.01
C VAL A 126 -4.15 -7.48 15.40
N HIS A 127 -5.07 -8.27 15.95
CA HIS A 127 -5.33 -9.62 15.47
C HIS A 127 -6.45 -9.79 14.45
N CYS A 128 -7.22 -8.76 14.14
CA CYS A 128 -8.49 -9.05 13.47
C CYS A 128 -8.42 -9.26 11.97
N HIS A 129 -9.04 -10.33 11.52
CA HIS A 129 -9.07 -10.70 10.11
C HIS A 129 -10.36 -10.36 9.45
N PHE A 130 -11.41 -10.92 10.02
CA PHE A 130 -12.75 -10.57 9.66
C PHE A 130 -13.60 -10.59 10.94
N PHE A 131 -14.77 -9.99 10.86
CA PHE A 131 -15.69 -9.96 11.98
C PHE A 131 -17.04 -10.52 11.57
N THR A 132 -17.79 -11.04 12.54
CA THR A 132 -19.23 -11.19 12.40
C THR A 132 -19.91 -10.27 13.43
N TYR A 133 -21.09 -9.77 13.07
CA TYR A 133 -21.84 -8.84 13.90
C TYR A 133 -23.33 -9.19 13.93
N ALA A 134 -23.87 -9.33 15.14
CA ALA A 134 -25.27 -9.64 15.32
C ALA A 134 -26.10 -8.36 15.44
N THR A 135 -27.08 -8.22 14.57
CA THR A 135 -28.02 -7.12 14.62
C THR A 135 -29.05 -7.26 15.74
N ARG A 136 -29.71 -6.15 16.04
CA ARG A 136 -30.85 -6.17 16.95
C ARG A 136 -31.78 -7.27 16.55
N GLN A 137 -32.16 -7.28 15.27
CA GLN A 137 -33.17 -8.21 14.82
C GLN A 137 -32.75 -9.60 15.23
N PHE A 138 -31.48 -9.76 15.59
CA PHE A 138 -31.01 -11.09 15.95
C PHE A 138 -31.85 -11.62 17.09
N PRO A 139 -32.50 -12.76 16.86
CA PRO A 139 -33.47 -13.30 17.83
C PRO A 139 -32.92 -13.46 19.25
N SER A 140 -31.77 -14.09 19.41
CA SER A 140 -31.31 -14.41 20.75
C SER A 140 -30.75 -13.15 21.44
N LEU A 141 -31.41 -12.71 22.50
CA LEU A 141 -31.25 -11.33 22.99
C LEU A 141 -29.86 -10.98 23.44
N GLU A 142 -29.29 -11.71 24.39
CA GLU A 142 -27.98 -11.31 24.88
C GLU A 142 -26.92 -11.34 23.78
N HIS A 143 -27.22 -11.98 22.64
CA HIS A 143 -26.34 -11.95 21.46
C HIS A 143 -26.54 -10.69 20.61
N ARG A 144 -27.68 -10.03 20.76
CA ARG A 144 -27.95 -8.83 19.99
C ARG A 144 -26.79 -7.85 20.15
N ASN A 145 -26.39 -7.24 19.03
CA ASN A 145 -25.32 -6.23 19.04
C ASN A 145 -23.94 -6.71 19.53
N ILE A 146 -23.70 -8.03 19.52
CA ILE A 146 -22.37 -8.54 19.81
C ILE A 146 -21.55 -8.49 18.54
N CYS A 147 -20.39 -7.87 18.62
CA CYS A 147 -19.46 -7.81 17.50
C CYS A 147 -18.26 -8.64 17.89
N LEU A 148 -18.12 -9.81 17.29
CA LEU A 148 -17.03 -10.72 17.68
C LEU A 148 -15.99 -10.87 16.58
N LEU A 149 -14.73 -10.78 16.99
CA LEU A 149 -13.60 -10.69 16.09
C LEU A 149 -12.94 -12.05 15.94
N LYS A 150 -12.44 -12.32 14.75
CA LYS A 150 -11.84 -13.60 14.54
C LYS A 150 -10.55 -13.49 13.74
N HIS A 151 -9.74 -14.55 13.78
CA HIS A 151 -8.58 -14.64 12.94
C HIS A 151 -8.41 -16.10 12.55
N THR A 152 -7.64 -16.34 11.50
CA THR A 152 -7.28 -17.70 11.10
C THR A 152 -5.82 -17.72 10.65
N GLN A 153 -5.26 -18.92 10.44
CA GLN A 153 -3.92 -19.05 9.87
C GLN A 153 -3.80 -18.26 8.58
N THR A 154 -4.80 -18.40 7.71
CA THR A 154 -4.73 -17.86 6.34
C THR A 154 -5.25 -16.46 6.15
N GLY A 155 -5.98 -15.94 7.13
CA GLY A 155 -6.78 -14.74 6.93
C GLY A 155 -8.14 -14.98 6.29
N THR A 156 -8.43 -16.21 5.89
CA THR A 156 -9.76 -16.53 5.40
C THR A 156 -10.45 -17.50 6.35
N PRO A 157 -11.79 -17.47 6.34
CA PRO A 157 -12.50 -18.18 7.39
C PRO A 157 -12.43 -19.66 7.15
N THR A 158 -12.30 -20.40 8.24
CA THR A 158 -12.29 -21.85 8.22
C THR A 158 -13.56 -22.42 7.58
N ARG A 159 -14.73 -21.92 7.94
CA ARG A 159 -15.89 -22.14 7.08
C ARG A 159 -16.87 -20.97 7.04
N ILE A 160 -17.78 -21.02 6.07
CA ILE A 160 -18.83 -20.01 5.95
C ILE A 160 -20.23 -20.64 5.90
N THR A 161 -21.12 -20.14 6.75
CA THR A 161 -22.49 -20.67 6.83
C THR A 161 -23.50 -19.54 6.70
N LYS A 162 -24.73 -19.83 6.31
CA LYS A 162 -25.78 -18.82 6.31
C LYS A 162 -26.42 -18.76 7.69
N LEU A 163 -26.36 -17.61 8.35
CA LEU A 163 -27.05 -17.36 9.61
C LEU A 163 -27.72 -15.99 9.53
N ASP A 164 -29.05 -15.98 9.51
CA ASP A 164 -29.81 -14.77 9.18
C ASP A 164 -29.75 -13.80 10.35
N LYS A 165 -30.01 -12.53 10.10
CA LYS A 165 -29.83 -11.48 11.13
C LYS A 165 -28.38 -11.34 11.61
N VAL A 166 -27.41 -11.63 10.73
CA VAL A 166 -26.00 -11.43 11.06
C VAL A 166 -25.24 -10.81 9.88
N VAL A 167 -24.21 -10.00 10.14
CA VAL A 167 -23.36 -9.48 9.04
C VAL A 167 -21.84 -9.68 9.26
N SER A 168 -21.16 -10.25 8.27
CA SER A 168 -19.73 -10.50 8.35
C SER A 168 -18.99 -9.60 7.38
N GLY A 169 -17.74 -9.30 7.70
CA GLY A 169 -16.88 -8.46 6.88
C GLY A 169 -15.41 -8.56 7.26
N PHE A 170 -14.54 -7.91 6.51
CA PHE A 170 -13.12 -8.17 6.67
C PHE A 170 -12.45 -6.93 7.23
N SER A 171 -11.30 -7.10 7.86
CA SER A 171 -10.50 -5.97 8.31
C SER A 171 -10.19 -5.06 7.13
N LEU A 172 -10.22 -3.76 7.39
CA LEU A 172 -9.94 -2.75 6.39
C LEU A 172 -8.50 -2.20 6.44
N LYS A 173 -7.62 -2.83 7.23
CA LYS A 173 -6.22 -2.39 7.29
C LYS A 173 -5.62 -2.17 5.90
N SER A 174 -6.14 -2.90 4.91
CA SER A 174 -5.61 -2.82 3.56
C SER A 174 -6.36 -1.82 2.70
N CYS A 175 -7.30 -1.11 3.32
CA CYS A 175 -8.04 0.00 2.69
C CYS A 175 -7.41 1.31 3.16
N ALA A 176 -6.34 1.17 3.93
CA ALA A 176 -5.58 2.25 4.50
C ALA A 176 -6.32 3.05 5.56
N LEU A 177 -7.33 2.43 6.17
CA LEU A 177 -8.13 3.05 7.24
C LEU A 177 -7.77 2.71 8.71
N SER A 178 -6.76 1.89 8.97
CA SER A 178 -6.50 1.47 10.33
C SER A 178 -5.77 2.56 11.15
N ASN A 179 -6.15 2.72 12.42
CA ASN A 179 -5.50 3.67 13.33
C ASN A 179 -4.39 3.02 14.16
N LEU A 180 -4.26 1.72 13.98
CA LEU A 180 -3.21 0.94 14.61
C LEU A 180 -1.84 1.52 14.27
N ALA A 181 -0.97 1.67 15.26
CA ALA A 181 0.35 2.22 14.97
C ALA A 181 1.28 1.16 14.38
N CYS A 182 2.02 1.55 13.35
CA CYS A 182 3.05 0.70 12.77
C CYS A 182 4.37 0.96 13.49
N ILE A 183 5.05 -0.11 13.90
CA ILE A 183 6.38 0.03 14.45
C ILE A 183 7.41 -0.33 13.41
N ARG A 184 8.10 0.67 12.88
CA ARG A 184 9.05 0.46 11.81
C ARG A 184 10.43 0.20 12.39
N ASP A 185 10.56 0.44 13.69
CA ASP A 185 11.86 0.39 14.35
C ASP A 185 12.31 -1.05 14.40
N ILE A 186 13.46 -1.32 13.79
CA ILE A 186 14.01 -2.67 13.69
C ILE A 186 15.15 -2.97 14.69
N PHE A 187 15.05 -4.10 15.38
CA PHE A 187 16.01 -4.41 16.43
C PHE A 187 17.11 -5.36 15.95
N PRO A 188 18.29 -4.82 15.67
CA PRO A 188 19.44 -5.65 15.30
C PRO A 188 19.87 -6.43 16.51
N ASN A 189 20.60 -7.52 16.29
CA ASN A 189 21.06 -8.36 17.40
C ASN A 189 19.97 -8.70 18.40
N THR A 190 18.76 -8.98 17.92
CA THR A 190 17.70 -9.35 18.82
C THR A 190 16.93 -10.52 18.28
N VAL A 191 16.28 -11.27 19.15
CA VAL A 191 15.42 -12.36 18.71
C VAL A 191 14.11 -12.33 19.53
N PHE A 192 13.07 -13.02 19.06
CA PHE A 192 11.81 -13.10 19.80
C PHE A 192 11.46 -14.55 20.08
N ALA A 193 10.96 -14.84 21.28
CA ALA A 193 10.48 -16.20 21.50
C ALA A 193 8.99 -16.18 21.84
N ASP A 194 8.21 -16.64 20.88
CA ASP A 194 6.78 -16.69 20.98
C ASP A 194 6.36 -17.70 19.92
N SER A 195 5.06 -17.81 19.66
CA SER A 195 4.59 -18.76 18.67
C SER A 195 5.16 -18.53 17.26
N ASN A 196 5.81 -19.54 16.70
CA ASN A 196 6.29 -19.47 15.32
C ASN A 196 5.24 -20.09 14.37
N ILE A 197 4.51 -19.23 13.63
CA ILE A 197 3.38 -19.72 12.81
C ILE A 197 3.78 -20.02 11.38
N ASP A 198 5.03 -19.74 11.04
CA ASP A 198 5.50 -20.12 9.74
C ASP A 198 6.89 -19.62 9.53
N SER A 199 7.54 -20.07 8.45
CA SER A 199 8.91 -19.66 8.20
C SER A 199 9.26 -19.69 6.74
N VAL A 200 10.00 -18.68 6.30
CA VAL A 200 10.49 -18.64 4.94
C VAL A 200 12.01 -18.43 4.94
N MET A 201 12.65 -18.65 3.80
CA MET A 201 14.03 -18.19 3.65
C MET A 201 14.04 -16.81 2.97
N ALA A 202 14.70 -15.86 3.60
CA ALA A 202 14.78 -14.49 3.10
C ALA A 202 16.22 -14.10 2.95
N PRO A 203 16.54 -13.36 1.90
CA PRO A 203 17.84 -12.75 1.62
C PRO A 203 18.26 -11.70 2.62
N ASP A 204 17.32 -10.94 3.18
CA ASP A 204 17.68 -10.02 4.26
C ASP A 204 16.50 -9.74 5.19
N ALA A 205 16.68 -8.86 6.16
CA ALA A 205 15.58 -8.59 7.08
C ALA A 205 14.50 -7.68 6.50
N PHE A 206 14.83 -6.95 5.43
CA PHE A 206 13.82 -6.08 4.81
C PHE A 206 12.78 -6.94 4.15
N VAL A 207 13.22 -7.88 3.31
CA VAL A 207 12.31 -8.83 2.71
C VAL A 207 11.62 -9.67 3.75
N CYS A 208 12.34 -10.02 4.80
CA CYS A 208 11.74 -10.80 5.84
C CYS A 208 10.50 -10.08 6.32
N GLY A 209 10.69 -8.85 6.78
CA GLY A 209 9.62 -8.01 7.31
C GLY A 209 8.53 -7.68 6.32
N ARG A 210 8.90 -7.48 5.07
CA ARG A 210 7.88 -7.31 4.04
C ARG A 210 7.01 -8.55 4.03
N ILE A 211 7.62 -9.73 3.94
CA ILE A 211 6.91 -11.01 3.95
C ILE A 211 6.04 -11.17 5.18
N CYS A 212 6.56 -10.74 6.33
CA CYS A 212 5.79 -10.76 7.56
C CYS A 212 4.52 -9.97 7.39
N THR A 213 4.63 -8.84 6.70
CA THR A 213 3.55 -7.89 6.56
C THR A 213 2.35 -8.45 5.80
N HIS A 214 2.56 -9.00 4.61
CA HIS A 214 1.43 -9.52 3.88
C HIS A 214 1.03 -10.93 4.31
N HIS A 215 1.67 -11.47 5.31
CA HIS A 215 1.21 -12.73 5.85
C HIS A 215 0.21 -12.42 6.96
N PRO A 216 -1.00 -12.97 6.82
CA PRO A 216 -2.15 -12.65 7.67
C PRO A 216 -1.88 -12.82 9.16
N GLY A 217 -1.23 -13.92 9.53
CA GLY A 217 -0.96 -14.18 10.93
C GLY A 217 0.31 -13.60 11.52
N CYS A 218 1.16 -12.98 10.71
CA CYS A 218 2.46 -12.57 11.23
C CYS A 218 2.42 -11.16 11.81
N LEU A 219 2.55 -11.06 13.13
CA LEU A 219 2.64 -9.79 13.85
C LEU A 219 4.05 -9.21 13.99
N PHE A 220 4.99 -10.10 14.26
CA PHE A 220 6.38 -9.70 14.32
C PHE A 220 7.22 -10.85 13.83
N PHE A 221 8.53 -10.71 13.88
CA PHE A 221 9.39 -11.71 13.28
C PHE A 221 10.82 -11.68 13.78
N THR A 222 11.57 -12.77 13.61
CA THR A 222 13.01 -12.75 13.83
C THR A 222 13.72 -13.23 12.57
N PHE A 223 14.85 -12.62 12.25
CA PHE A 223 15.62 -13.03 11.09
C PHE A 223 16.99 -13.55 11.50
N PHE A 224 17.35 -14.74 11.04
CA PHE A 224 18.66 -15.24 11.34
C PHE A 224 19.53 -15.03 10.12
N SER A 225 20.39 -14.03 10.21
CA SER A 225 21.18 -13.53 9.09
C SER A 225 22.19 -14.57 8.65
N GLN A 226 22.75 -14.34 7.48
CA GLN A 226 23.77 -15.20 6.89
C GLN A 226 24.89 -15.56 7.86
N GLU A 227 25.23 -14.60 8.72
CA GLU A 227 26.35 -14.72 9.65
C GLU A 227 26.00 -15.53 10.89
N TRP A 228 24.76 -16.01 10.95
CA TRP A 228 24.31 -16.81 12.08
C TRP A 228 25.10 -18.10 12.22
N PRO A 229 25.49 -18.45 13.45
CA PRO A 229 26.27 -19.65 13.69
C PRO A 229 25.61 -20.96 13.26
N LYS A 230 24.41 -21.28 13.71
CA LYS A 230 23.88 -22.59 13.37
C LYS A 230 23.66 -22.54 11.88
N GLU A 231 24.29 -23.43 11.12
CA GLU A 231 24.20 -23.30 9.68
C GLU A 231 22.74 -23.48 9.21
N SER A 232 22.07 -24.50 9.74
CA SER A 232 20.75 -24.85 9.24
C SER A 232 19.80 -23.65 9.22
N GLN A 233 20.05 -22.69 10.10
CA GLN A 233 19.13 -21.57 10.31
C GLN A 233 19.44 -20.27 9.56
N ARG A 234 20.39 -20.28 8.65
CA ARG A 234 20.71 -19.04 7.98
C ARG A 234 19.70 -18.61 6.94
N ASN A 235 19.45 -17.31 6.92
CA ASN A 235 18.49 -16.66 6.04
C ASN A 235 17.06 -17.14 6.31
N LEU A 236 16.90 -17.75 7.47
CA LEU A 236 15.61 -18.22 7.89
C LEU A 236 14.83 -17.05 8.45
N CYS A 237 13.62 -16.84 7.89
CA CYS A 237 12.73 -15.77 8.35
C CYS A 237 11.56 -16.32 9.19
N LEU A 238 11.59 -16.08 10.48
CA LEU A 238 10.63 -16.68 11.40
C LEU A 238 9.42 -15.79 11.68
N LEU A 239 8.23 -16.24 11.27
CA LEU A 239 7.00 -15.45 11.44
C LEU A 239 6.22 -15.80 12.70
N LYS A 240 6.07 -14.82 13.58
CA LYS A 240 5.59 -15.06 14.93
C LYS A 240 4.28 -14.34 15.27
N THR A 241 3.63 -14.83 16.34
CA THR A 241 2.47 -14.16 16.91
C THR A 241 2.33 -14.41 18.42
N SER A 242 1.48 -13.64 19.07
CA SER A 242 1.23 -13.76 20.50
C SER A 242 -0.16 -13.27 20.85
N GLU A 243 -0.70 -13.76 21.97
CA GLU A 243 -2.02 -13.33 22.43
C GLU A 243 -2.05 -11.85 22.77
N SER A 244 -1.02 -11.35 23.44
CA SER A 244 -0.90 -9.90 23.62
C SER A 244 -0.79 -9.19 22.28
N GLY A 245 -0.04 -9.80 21.36
CA GLY A 245 0.24 -9.20 20.07
C GLY A 245 1.61 -8.55 20.08
N LEU A 246 2.36 -8.74 21.17
CA LEU A 246 3.72 -8.22 21.27
C LEU A 246 4.70 -9.35 21.53
N PRO A 247 5.98 -9.12 21.21
CA PRO A 247 7.01 -10.08 21.57
C PRO A 247 7.01 -10.26 23.10
N SER A 248 6.96 -11.51 23.56
CA SER A 248 6.99 -11.80 24.99
C SER A 248 8.25 -11.21 25.62
N THR A 249 9.38 -11.38 24.94
CA THR A 249 10.65 -10.93 25.48
C THR A 249 11.64 -10.53 24.39
N ARG A 250 12.42 -9.48 24.62
CA ARG A 250 13.56 -9.27 23.73
C ARG A 250 14.81 -9.93 24.33
N ILE A 251 15.21 -11.04 23.70
CA ILE A 251 16.45 -11.73 24.01
C ILE A 251 17.55 -11.11 23.18
N LYS A 252 18.76 -10.96 23.73
CA LYS A 252 19.87 -10.42 22.93
C LYS A 252 20.61 -11.55 22.22
N LYS A 253 20.99 -11.34 20.97
CA LYS A 253 21.76 -12.33 20.25
C LYS A 253 22.41 -11.70 19.05
N SER A 254 23.43 -12.33 18.50
CA SER A 254 24.13 -11.69 17.40
C SER A 254 23.67 -12.26 16.06
N LYS A 255 23.70 -11.43 15.04
CA LYS A 255 23.38 -11.85 13.67
C LYS A 255 21.91 -12.28 13.50
N ALA A 256 21.07 -11.84 14.42
CA ALA A 256 19.64 -12.02 14.24
C ALA A 256 18.97 -10.65 14.35
N LEU A 257 17.95 -10.40 13.54
CA LEU A 257 17.17 -9.17 13.64
C LEU A 257 15.72 -9.44 13.88
N SER A 258 15.06 -8.54 14.61
CA SER A 258 13.62 -8.66 14.80
C SER A 258 12.90 -7.40 14.42
N GLY A 259 11.61 -7.52 14.17
CA GLY A 259 10.79 -6.38 13.80
C GLY A 259 9.31 -6.68 13.86
N PHE A 260 8.47 -5.81 13.30
CA PHE A 260 7.03 -6.04 13.32
C PHE A 260 6.39 -6.02 11.95
N SER A 261 5.22 -6.65 11.85
CA SER A 261 4.37 -6.48 10.68
C SER A 261 4.14 -4.99 10.46
N LEU A 262 4.16 -4.56 9.21
CA LEU A 262 3.73 -3.22 8.82
C LEU A 262 2.27 -3.09 8.29
N GLN A 263 1.45 -4.13 8.49
CA GLN A 263 0.12 -4.30 7.89
C GLN A 263 -0.70 -3.02 7.87
N SER A 264 -0.53 -2.17 8.87
CA SER A 264 -1.26 -0.90 8.93
C SER A 264 -0.81 0.09 7.85
N CYS A 265 0.49 0.22 7.69
CA CYS A 265 1.07 1.23 6.81
C CYS A 265 1.20 0.70 5.42
N ARG A 266 0.55 -0.43 5.20
CA ARG A 266 0.71 -1.25 4.01
C ARG A 266 0.76 -0.41 2.73
N HIS A 267 -0.03 0.65 2.69
CA HIS A 267 -0.16 1.37 1.45
C HIS A 267 0.96 2.36 1.12
N SER A 268 1.73 2.78 2.11
CA SER A 268 2.85 3.71 1.87
C SER A 268 4.22 3.03 1.78
N ILE A 269 4.26 1.71 1.90
CA ILE A 269 5.52 1.00 1.98
C ILE A 269 5.56 -0.02 0.86
N PRO A 270 6.75 -0.23 0.27
CA PRO A 270 6.85 -1.30 -0.73
C PRO A 270 6.64 -2.61 0.01
N VAL A 271 5.87 -3.51 -0.55
CA VAL A 271 5.52 -4.75 0.14
C VAL A 271 5.77 -5.97 -0.70
N PHE A 272 5.13 -6.05 -1.85
CA PHE A 272 5.37 -7.12 -2.77
C PHE A 272 6.47 -6.78 -3.71
N CYS A 273 7.12 -5.65 -3.52
CA CYS A 273 8.07 -5.27 -4.54
C CYS A 273 9.49 -5.34 -4.05
N HIS A 274 10.19 -6.37 -4.51
CA HIS A 274 11.56 -6.50 -4.09
C HIS A 274 12.42 -6.23 -5.33
N SER A 275 12.99 -5.02 -5.39
CA SER A 275 13.70 -4.56 -6.57
C SER A 275 15.22 -4.76 -6.55
N SER A 276 15.76 -4.99 -5.37
CA SER A 276 17.19 -5.24 -5.23
C SER A 276 17.63 -6.48 -5.98
N PHE A 277 18.90 -6.53 -6.32
CA PHE A 277 19.52 -7.75 -6.80
C PHE A 277 20.44 -8.28 -5.72
N TYR A 278 20.65 -9.59 -5.70
CA TYR A 278 21.49 -10.19 -4.68
C TYR A 278 22.61 -10.98 -5.35
N HIS A 279 23.84 -10.49 -5.13
CA HIS A 279 25.00 -10.87 -5.91
C HIS A 279 25.76 -11.98 -5.21
N ASP A 280 26.27 -12.96 -5.96
CA ASP A 280 26.90 -14.12 -5.34
C ASP A 280 25.92 -14.66 -4.31
N THR A 281 24.64 -14.61 -4.69
CA THR A 281 23.53 -15.28 -4.00
C THR A 281 22.76 -16.12 -5.00
N ASP A 282 22.47 -17.37 -4.69
CA ASP A 282 21.64 -18.20 -5.59
C ASP A 282 20.38 -18.59 -4.84
N PHE A 283 19.23 -18.42 -5.47
CA PHE A 283 17.99 -18.76 -4.83
C PHE A 283 17.54 -20.15 -5.25
N LEU A 284 17.53 -21.12 -4.34
CA LEU A 284 17.07 -22.46 -4.71
C LEU A 284 15.52 -22.53 -4.83
N GLY A 285 15.06 -23.05 -5.96
CA GLY A 285 13.63 -23.22 -6.26
C GLY A 285 13.42 -24.26 -7.36
N GLU A 286 12.19 -24.43 -7.82
CA GLU A 286 11.94 -25.37 -8.92
C GLU A 286 12.25 -24.68 -10.20
N GLU A 287 12.94 -25.37 -11.12
CA GLU A 287 13.36 -24.73 -12.36
C GLU A 287 12.25 -24.71 -13.40
N LEU A 288 11.92 -23.50 -13.83
CA LEU A 288 10.90 -23.21 -14.83
C LEU A 288 11.54 -23.15 -16.22
N ASP A 289 12.50 -22.27 -16.41
CA ASP A 289 13.24 -22.27 -17.67
C ASP A 289 14.68 -21.84 -17.48
N ILE A 290 15.51 -22.12 -18.48
CA ILE A 290 16.87 -21.58 -18.53
C ILE A 290 17.18 -20.92 -19.87
N VAL A 291 17.41 -19.60 -19.85
CA VAL A 291 17.63 -18.89 -21.09
C VAL A 291 18.84 -17.92 -21.14
N ALA A 292 19.35 -17.73 -22.37
CA ALA A 292 20.38 -16.76 -22.69
C ALA A 292 19.94 -15.38 -22.27
N ALA A 293 20.78 -14.70 -21.49
CA ALA A 293 20.49 -13.35 -21.12
C ALA A 293 21.79 -12.58 -21.14
N LYS A 294 21.72 -11.31 -21.50
CA LYS A 294 22.90 -10.45 -21.54
C LYS A 294 23.28 -9.98 -20.15
N SER A 295 22.28 -9.81 -19.30
CA SER A 295 22.56 -9.29 -17.97
C SER A 295 21.49 -9.69 -16.97
N HIS A 296 21.81 -9.55 -15.69
CA HIS A 296 20.82 -9.82 -14.65
C HIS A 296 19.60 -8.91 -14.74
N GLU A 297 19.70 -7.80 -15.45
CA GLU A 297 18.54 -6.94 -15.56
C GLU A 297 17.56 -7.57 -16.49
N ALA A 298 18.01 -8.04 -17.65
CA ALA A 298 17.08 -8.67 -18.58
C ALA A 298 16.63 -10.00 -18.01
N CYS A 299 17.47 -10.60 -17.18
CA CYS A 299 17.10 -11.82 -16.49
C CYS A 299 15.78 -11.56 -15.78
N GLN A 300 15.79 -10.53 -14.94
CA GLN A 300 14.61 -10.18 -14.19
C GLN A 300 13.40 -9.89 -15.09
N LYS A 301 13.65 -9.27 -16.24
CA LYS A 301 12.51 -8.93 -17.08
C LYS A 301 11.94 -10.18 -17.66
N LEU A 302 12.79 -11.15 -17.91
CA LEU A 302 12.28 -12.45 -18.35
C LEU A 302 11.43 -13.05 -17.24
N CYS A 303 11.84 -12.88 -15.98
CA CYS A 303 11.12 -13.45 -14.85
C CYS A 303 9.75 -12.86 -14.78
N THR A 304 9.72 -11.54 -14.83
CA THR A 304 8.49 -10.77 -14.72
C THR A 304 7.53 -11.08 -15.85
N ASN A 305 8.09 -11.27 -17.06
CA ASN A 305 7.25 -11.57 -18.22
C ASN A 305 6.78 -12.99 -18.21
N ALA A 306 7.40 -13.83 -17.37
CA ALA A 306 7.00 -15.23 -17.21
C ALA A 306 6.07 -15.31 -16.01
N VAL A 307 4.79 -15.61 -16.26
CA VAL A 307 3.80 -15.49 -15.18
C VAL A 307 4.01 -16.46 -13.98
N ARG A 308 4.40 -17.70 -14.23
CA ARG A 308 4.70 -18.65 -13.15
C ARG A 308 6.02 -18.39 -12.41
N CYS A 309 6.94 -17.65 -13.03
CA CYS A 309 8.23 -17.40 -12.41
C CYS A 309 8.07 -16.50 -11.19
N GLN A 310 8.49 -16.97 -10.03
CA GLN A 310 8.47 -16.10 -8.87
C GLN A 310 9.80 -15.46 -8.52
N PHE A 311 10.88 -16.07 -8.99
CA PHE A 311 12.26 -15.60 -8.72
C PHE A 311 13.28 -16.23 -9.67
N PHE A 312 14.47 -15.68 -9.72
CA PHE A 312 15.42 -16.12 -10.71
C PHE A 312 16.78 -16.00 -10.11
N THR A 313 17.71 -16.75 -10.67
CA THR A 313 19.12 -16.52 -10.43
C THR A 313 19.73 -16.38 -11.80
N TYR A 314 20.54 -15.34 -11.98
CA TYR A 314 21.27 -15.11 -13.23
C TYR A 314 22.72 -15.46 -13.04
N THR A 315 23.22 -16.34 -13.89
CA THR A 315 24.65 -16.68 -13.86
C THR A 315 25.39 -16.04 -15.04
N PRO A 316 26.32 -15.13 -14.73
CA PRO A 316 26.94 -14.25 -15.71
C PRO A 316 28.00 -15.00 -16.49
N ALA A 317 28.36 -14.51 -17.68
CA ALA A 317 29.44 -15.12 -18.43
C ALA A 317 30.63 -15.23 -17.47
N GLN A 318 31.31 -16.39 -17.46
CA GLN A 318 32.10 -16.76 -16.30
C GLN A 318 33.42 -16.01 -16.12
N ALA A 319 33.54 -15.32 -14.98
CA ALA A 319 34.73 -14.57 -14.56
C ALA A 319 35.36 -13.59 -15.56
N SER A 320 34.51 -12.96 -16.38
CA SER A 320 34.90 -11.89 -17.32
C SER A 320 35.70 -12.36 -18.54
N CYS A 321 36.10 -13.63 -18.54
CA CYS A 321 36.83 -14.21 -19.68
C CYS A 321 35.85 -14.56 -20.80
N ASN A 322 34.68 -15.05 -20.42
CA ASN A 322 33.70 -15.60 -21.35
C ASN A 322 32.82 -14.59 -22.09
N GLU A 323 32.32 -15.01 -23.25
CA GLU A 323 31.38 -14.22 -24.04
C GLU A 323 30.14 -13.91 -23.20
N GLY A 324 29.66 -12.68 -23.31
CA GLY A 324 28.89 -12.05 -22.27
C GLY A 324 27.45 -12.50 -22.16
N LYS A 325 27.15 -13.64 -22.78
CA LYS A 325 25.83 -14.24 -22.64
C LYS A 325 25.82 -15.17 -21.43
N GLY A 326 25.03 -14.80 -20.44
CA GLY A 326 24.86 -15.57 -19.23
C GLY A 326 23.65 -16.48 -19.31
N LYS A 327 23.41 -17.20 -18.22
CA LYS A 327 22.27 -18.11 -18.13
C LYS A 327 21.26 -17.60 -17.09
N CYS A 328 20.03 -17.42 -17.55
CA CYS A 328 18.95 -16.98 -16.69
C CYS A 328 18.08 -18.17 -16.26
N TYR A 329 18.11 -18.50 -14.97
CA TYR A 329 17.21 -19.52 -14.44
C TYR A 329 15.93 -18.93 -13.86
N LEU A 330 14.81 -19.16 -14.53
CA LEU A 330 13.54 -18.78 -14.00
C LEU A 330 13.13 -19.83 -12.99
N LYS A 331 12.87 -19.43 -11.75
CA LYS A 331 12.54 -20.36 -10.66
C LYS A 331 11.14 -20.14 -10.09
N LEU A 332 10.55 -21.18 -9.48
CA LEU A 332 9.38 -21.01 -8.57
C LEU A 332 9.43 -21.93 -7.36
N SER A 333 8.68 -21.57 -6.33
CA SER A 333 8.45 -22.47 -5.21
C SER A 333 6.99 -22.44 -4.73
N SER A 334 6.72 -23.13 -3.63
CA SER A 334 5.36 -23.33 -3.20
C SER A 334 4.79 -22.13 -2.49
N ASN A 335 5.66 -21.45 -1.76
CA ASN A 335 5.39 -20.09 -1.34
C ASN A 335 6.20 -19.27 -2.29
N GLY A 336 6.17 -17.96 -2.22
CA GLY A 336 6.86 -17.29 -3.30
C GLY A 336 8.35 -17.15 -3.03
N SER A 337 8.88 -17.97 -2.14
CA SER A 337 10.22 -17.80 -1.68
C SER A 337 11.09 -18.97 -2.00
N PRO A 338 12.40 -18.74 -2.02
CA PRO A 338 13.48 -19.69 -2.09
C PRO A 338 13.34 -20.78 -1.04
N THR A 339 13.73 -21.99 -1.42
CA THR A 339 13.73 -23.12 -0.49
C THR A 339 15.03 -23.08 0.27
N LYS A 340 16.10 -22.79 -0.45
CA LYS A 340 17.42 -22.55 0.15
C LYS A 340 18.01 -21.29 -0.42
N ILE A 341 18.71 -20.51 0.41
CA ILE A 341 19.54 -19.41 -0.09
C ILE A 341 21.07 -19.68 0.05
N LEU A 342 21.76 -19.85 -1.08
CA LEU A 342 23.21 -20.15 -1.08
C LEU A 342 24.10 -18.95 -1.46
N HIS A 343 25.05 -18.61 -0.59
CA HIS A 343 25.99 -17.51 -0.89
C HIS A 343 27.32 -18.04 -1.44
N GLY A 344 27.78 -17.50 -2.57
CA GLY A 344 29.14 -17.80 -3.01
C GLY A 344 29.34 -18.73 -4.19
N ARG A 345 28.28 -19.10 -4.89
CA ARG A 345 28.40 -19.78 -6.16
C ARG A 345 28.25 -18.73 -7.28
N GLY A 346 28.26 -17.46 -6.88
CA GLY A 346 28.38 -16.37 -7.83
C GLY A 346 27.22 -16.11 -8.75
N GLY A 347 26.03 -16.55 -8.39
CA GLY A 347 24.86 -16.09 -9.11
C GLY A 347 24.34 -14.73 -8.65
N ILE A 348 23.53 -14.10 -9.50
CA ILE A 348 22.84 -12.87 -9.09
C ILE A 348 21.33 -13.11 -9.02
N SER A 349 20.73 -13.01 -7.83
CA SER A 349 19.30 -13.26 -7.68
C SER A 349 18.47 -12.05 -7.26
N GLY A 350 17.21 -12.07 -7.70
CA GLY A 350 16.18 -11.15 -7.26
C GLY A 350 14.81 -11.75 -7.47
N TYR A 351 13.75 -10.96 -7.32
CA TYR A 351 12.39 -11.49 -7.53
C TYR A 351 11.72 -11.03 -8.81
N THR A 352 10.50 -11.51 -9.04
CA THR A 352 9.66 -11.06 -10.14
C THR A 352 9.04 -9.74 -9.76
N LEU A 353 8.98 -8.84 -10.74
CA LEU A 353 8.46 -7.50 -10.56
C LEU A 353 7.01 -7.46 -10.92
N ARG A 354 6.53 -8.60 -11.39
CA ARG A 354 5.12 -8.85 -11.63
C ARG A 354 4.35 -8.55 -10.36
N LEU A 355 5.01 -8.74 -9.23
CA LEU A 355 4.38 -8.46 -7.95
C LEU A 355 4.11 -6.96 -7.78
N CYS A 356 5.02 -6.13 -8.25
CA CYS A 356 5.00 -4.70 -7.94
C CYS A 356 3.66 -4.03 -8.16
N LYS A 357 2.93 -4.48 -9.17
CA LYS A 357 1.61 -3.92 -9.43
C LYS A 357 0.64 -4.06 -8.24
N MET A 358 1.03 -4.84 -7.23
CA MET A 358 0.24 -4.92 -6.00
C MET A 358 0.53 -3.78 -5.04
N ASP A 359 1.73 -3.22 -5.16
CA ASP A 359 2.15 -2.10 -4.33
C ASP A 359 1.40 -0.86 -4.77
N ASN A 360 1.36 0.18 -3.95
CA ASN A 360 0.75 1.43 -4.38
C ASN A 360 1.78 2.16 -5.22
N GLU A 361 1.35 2.83 -6.30
CA GLU A 361 2.30 3.38 -7.23
C GLU A 361 3.15 4.48 -6.63
N CYS A 362 2.76 4.97 -5.46
CA CYS A 362 3.51 6.04 -4.83
C CYS A 362 4.74 5.48 -4.09
N THR A 363 4.85 4.15 -4.05
CA THR A 363 6.04 3.50 -3.48
C THR A 363 7.20 3.21 -4.44
N THR A 364 6.96 3.25 -5.74
CA THR A 364 8.04 3.04 -6.73
C THR A 364 9.22 4.01 -6.58
N LYS A 365 10.41 3.52 -6.86
CA LYS A 365 11.59 4.35 -6.71
C LYS A 365 11.70 5.46 -7.77
N ILE A 366 12.51 6.46 -7.42
CA ILE A 366 12.70 7.66 -8.23
C ILE A 366 14.17 7.73 -8.69
N LYS A 367 14.38 7.76 -10.01
CA LYS A 367 15.74 7.70 -10.57
C LYS A 367 16.64 8.76 -9.92
N PRO A 368 17.90 8.40 -9.59
CA PRO A 368 18.74 9.25 -8.72
C PRO A 368 19.01 10.64 -9.31
N ARG A 369 19.24 10.68 -10.63
CA ARG A 369 19.51 11.92 -11.34
C ARG A 369 20.67 12.67 -10.72
N ILE A 370 20.54 13.99 -10.62
CA ILE A 370 21.55 14.77 -9.93
C ILE A 370 20.92 15.60 -8.82
N VAL A 371 21.65 15.70 -7.70
CA VAL A 371 21.14 16.41 -6.55
C VAL A 371 21.76 17.80 -6.61
N GLY A 372 21.02 18.75 -7.14
CA GLY A 372 21.49 20.13 -7.19
C GLY A 372 20.63 20.99 -6.28
N GLY A 373 21.28 21.64 -5.31
CA GLY A 373 20.59 22.49 -4.35
C GLY A 373 19.91 23.71 -4.94
N THR A 374 20.58 24.36 -5.89
CA THR A 374 20.09 25.60 -6.48
C THR A 374 18.76 25.47 -7.22
N ALA A 375 18.60 24.41 -8.00
CA ALA A 375 17.39 24.26 -8.80
C ALA A 375 16.86 22.82 -8.90
N SER A 376 15.55 22.71 -9.14
CA SER A 376 14.89 21.44 -9.36
C SER A 376 15.16 21.07 -10.80
N VAL A 377 14.69 19.92 -11.23
CA VAL A 377 14.87 19.55 -12.61
C VAL A 377 13.99 18.37 -12.95
N ARG A 378 14.03 17.95 -14.21
CA ARG A 378 13.06 17.01 -14.73
C ARG A 378 12.91 15.80 -13.83
N GLY A 379 11.68 15.33 -13.67
CA GLY A 379 11.39 14.10 -12.96
C GLY A 379 11.67 14.12 -11.46
N GLU A 380 12.17 15.24 -10.96
CA GLU A 380 12.60 15.30 -9.57
C GLU A 380 11.47 15.28 -8.54
N TRP A 381 10.33 15.86 -8.89
CA TRP A 381 9.17 15.94 -8.00
C TRP A 381 7.90 15.61 -8.76
N PRO A 382 7.81 14.38 -9.24
CA PRO A 382 6.75 14.00 -10.19
C PRO A 382 5.35 14.33 -9.70
N TRP A 383 5.17 14.49 -8.39
CA TRP A 383 3.82 14.77 -7.88
C TRP A 383 3.42 16.23 -7.97
N GLN A 384 4.36 17.14 -7.76
CA GLN A 384 3.98 18.54 -7.75
C GLN A 384 3.38 18.95 -9.08
N VAL A 385 2.24 19.64 -9.00
CA VAL A 385 1.59 20.23 -10.17
C VAL A 385 1.47 21.73 -9.98
N THR A 386 1.34 22.44 -11.07
CA THR A 386 1.03 23.86 -11.04
C THR A 386 -0.45 24.01 -11.40
N LEU A 387 -1.15 24.84 -10.63
CA LEU A 387 -2.58 25.03 -10.80
C LEU A 387 -2.84 26.42 -11.38
N HIS A 388 -3.35 26.48 -12.61
CA HIS A 388 -3.46 27.74 -13.36
C HIS A 388 -4.86 28.34 -13.42
N THR A 389 -4.91 29.67 -13.45
CA THR A 389 -6.19 30.36 -13.59
C THR A 389 -6.33 31.03 -14.98
N THR A 390 -7.48 30.85 -15.62
CA THR A 390 -7.69 31.54 -16.90
C THR A 390 -7.92 33.03 -16.65
N SER A 391 -8.77 33.35 -15.67
CA SER A 391 -9.16 34.73 -15.40
C SER A 391 -8.27 35.42 -14.38
N PRO A 392 -7.97 36.71 -14.58
CA PRO A 392 -8.37 37.57 -15.70
C PRO A 392 -7.69 37.11 -16.95
N THR A 393 -6.39 36.83 -16.81
CA THR A 393 -5.55 36.27 -17.87
C THR A 393 -4.86 35.06 -17.25
N GLN A 394 -4.28 34.17 -18.06
CA GLN A 394 -3.80 32.90 -17.51
C GLN A 394 -2.52 33.06 -16.74
N ARG A 395 -2.54 32.61 -15.48
CA ARG A 395 -1.38 32.72 -14.60
C ARG A 395 -1.38 31.67 -13.48
N HIS A 396 -0.21 31.48 -12.89
CA HIS A 396 -0.09 30.55 -11.78
C HIS A 396 -0.98 31.04 -10.63
N LEU A 397 -1.88 30.17 -10.20
CA LEU A 397 -2.71 30.42 -9.03
C LEU A 397 -2.11 29.71 -7.81
N CYS A 398 -2.06 28.38 -7.84
CA CYS A 398 -1.58 27.62 -6.69
C CYS A 398 -0.59 26.50 -6.98
N GLY A 399 -0.09 25.88 -5.92
CA GLY A 399 0.55 24.58 -6.03
C GLY A 399 -0.44 23.47 -5.70
N GLY A 400 -0.13 22.26 -6.16
CA GLY A 400 -0.95 21.10 -5.87
C GLY A 400 -0.08 19.87 -5.98
N SER A 401 -0.54 18.76 -5.40
CA SER A 401 0.19 17.50 -5.47
C SER A 401 -0.69 16.40 -6.04
N ILE A 402 -0.14 15.55 -6.92
CA ILE A 402 -0.92 14.45 -7.51
C ILE A 402 -0.94 13.36 -6.48
N ILE A 403 -2.11 13.07 -5.94
CA ILE A 403 -2.28 11.98 -4.99
C ILE A 403 -3.04 10.79 -5.59
N GLY A 404 -3.38 10.94 -6.86
CA GLY A 404 -4.22 9.97 -7.54
C GLY A 404 -4.15 10.13 -9.04
N ASN A 405 -4.82 9.22 -9.74
CA ASN A 405 -4.84 9.30 -11.18
C ASN A 405 -5.71 10.46 -11.56
N GLN A 406 -6.82 10.53 -10.85
CA GLN A 406 -7.80 11.54 -11.10
C GLN A 406 -7.74 12.72 -10.13
N TRP A 407 -6.78 12.71 -9.20
CA TRP A 407 -6.81 13.66 -8.06
C TRP A 407 -5.61 14.59 -7.81
N ILE A 408 -5.91 15.86 -7.56
CA ILE A 408 -4.92 16.76 -6.97
C ILE A 408 -5.32 17.04 -5.53
N LEU A 409 -4.34 17.23 -4.65
CA LEU A 409 -4.65 17.64 -3.29
C LEU A 409 -4.01 18.99 -3.04
N THR A 410 -4.77 19.92 -2.47
CA THR A 410 -4.31 21.29 -2.36
C THR A 410 -5.02 22.09 -1.29
N ALA A 411 -4.75 23.39 -1.23
CA ALA A 411 -5.37 24.28 -0.23
C ALA A 411 -6.75 24.71 -0.64
N ALA A 412 -7.63 24.96 0.33
CA ALA A 412 -8.97 25.46 0.01
C ALA A 412 -8.93 26.95 -0.27
N HIS A 413 -7.98 27.62 0.38
CA HIS A 413 -7.94 29.06 0.28
C HIS A 413 -7.57 29.46 -1.12
N CYS A 414 -7.18 28.47 -1.92
CA CYS A 414 -6.78 28.74 -3.29
C CYS A 414 -8.00 29.04 -4.12
N PHE A 415 -9.16 28.62 -3.65
CA PHE A 415 -10.38 28.69 -4.42
C PHE A 415 -11.32 29.86 -4.08
N TYR A 416 -10.78 30.74 -3.25
CA TYR A 416 -11.39 32.00 -2.84
C TYR A 416 -11.83 32.71 -4.10
N GLY A 417 -13.10 33.05 -4.15
CA GLY A 417 -13.63 33.67 -5.36
C GLY A 417 -13.16 32.94 -6.61
N VAL A 418 -13.28 31.62 -6.62
CA VAL A 418 -13.26 30.93 -7.90
C VAL A 418 -14.68 30.46 -8.07
N GLU A 419 -15.34 30.89 -9.14
CA GLU A 419 -16.76 30.58 -9.26
C GLU A 419 -17.03 29.19 -9.82
N SER A 420 -16.17 28.70 -10.71
CA SER A 420 -16.35 27.35 -11.24
C SER A 420 -15.04 26.66 -11.56
N PRO A 421 -15.07 25.31 -11.58
CA PRO A 421 -13.89 24.52 -11.91
C PRO A 421 -13.49 24.90 -13.31
N LYS A 422 -14.47 25.39 -14.04
CA LYS A 422 -14.27 25.54 -15.47
C LYS A 422 -13.17 26.50 -15.84
N ILE A 423 -12.65 27.25 -14.88
CA ILE A 423 -11.56 28.18 -15.14
C ILE A 423 -10.18 27.64 -14.75
N LEU A 424 -10.16 26.44 -14.19
CA LEU A 424 -8.93 25.86 -13.67
C LEU A 424 -8.16 25.05 -14.71
N ARG A 425 -6.84 25.17 -14.66
CA ARG A 425 -5.98 24.37 -15.53
C ARG A 425 -4.84 23.74 -14.75
N VAL A 426 -4.82 22.41 -14.65
CA VAL A 426 -3.74 21.71 -13.96
C VAL A 426 -2.71 21.15 -14.91
N TYR A 427 -1.48 21.66 -14.82
CA TYR A 427 -0.37 21.15 -15.63
C TYR A 427 0.51 20.24 -14.78
N SER A 428 1.07 19.21 -15.37
CA SER A 428 1.89 18.26 -14.64
C SER A 428 3.32 18.24 -15.12
N GLY A 429 4.22 17.78 -14.27
CA GLY A 429 5.60 17.63 -14.68
C GLY A 429 6.17 18.86 -15.38
N ILE A 430 6.05 20.02 -14.75
CA ILE A 430 6.54 21.24 -15.36
C ILE A 430 7.70 21.79 -14.58
N LEU A 431 8.86 21.96 -15.22
CA LEU A 431 10.00 22.63 -14.57
C LEU A 431 9.95 24.16 -14.61
N ASN A 432 9.68 24.71 -15.78
CA ASN A 432 9.69 26.16 -15.93
C ASN A 432 8.29 26.64 -16.19
N GLN A 433 7.94 27.80 -15.66
CA GLN A 433 6.71 28.42 -16.09
C GLN A 433 6.88 28.86 -17.55
N SER A 434 8.07 29.37 -17.88
CA SER A 434 8.38 29.76 -19.25
C SER A 434 8.03 28.62 -20.21
N GLU A 435 8.11 27.40 -19.70
CA GLU A 435 7.80 26.17 -20.44
C GLU A 435 6.34 26.02 -20.89
N ILE A 436 5.42 26.75 -20.28
CA ILE A 436 4.00 26.67 -20.70
C ILE A 436 3.62 27.60 -21.85
N LYS A 437 2.94 27.03 -22.85
CA LYS A 437 2.54 27.75 -24.05
C LYS A 437 1.09 27.43 -24.42
N GLU A 438 0.51 28.23 -25.30
CA GLU A 438 -0.90 28.08 -25.65
C GLU A 438 -1.24 26.64 -26.01
N ASP A 439 -0.26 25.93 -26.56
CA ASP A 439 -0.44 24.55 -27.00
C ASP A 439 -0.18 23.55 -25.88
N THR A 440 0.45 24.02 -24.81
CA THR A 440 0.79 23.11 -23.73
C THR A 440 -0.45 22.33 -23.29
N SER A 441 -0.29 21.04 -23.06
CA SER A 441 -1.41 20.20 -22.61
C SER A 441 -1.54 20.17 -21.08
N PHE A 442 -2.79 20.11 -20.62
CA PHE A 442 -3.15 20.29 -19.21
C PHE A 442 -4.40 19.47 -18.86
N PHE A 443 -4.66 19.26 -17.57
CA PHE A 443 -5.86 18.55 -17.15
C PHE A 443 -7.01 19.49 -16.79
N GLY A 444 -8.21 19.21 -17.29
CA GLY A 444 -9.37 19.98 -16.85
C GLY A 444 -9.84 19.49 -15.49
N VAL A 445 -10.26 20.41 -14.63
CA VAL A 445 -10.77 20.02 -13.32
C VAL A 445 -12.27 19.84 -13.42
N GLN A 446 -12.75 18.65 -13.10
CA GLN A 446 -14.16 18.35 -13.20
C GLN A 446 -14.87 18.89 -11.98
N GLU A 447 -14.22 18.82 -10.83
CA GLU A 447 -14.91 19.15 -9.58
C GLU A 447 -13.98 19.67 -8.50
N ILE A 448 -14.44 20.65 -7.72
CA ILE A 448 -13.67 21.16 -6.59
C ILE A 448 -14.36 20.67 -5.33
N ILE A 449 -13.59 20.02 -4.47
CA ILE A 449 -14.16 19.58 -3.20
C ILE A 449 -13.47 20.34 -2.08
N ILE A 450 -14.25 21.15 -1.38
CA ILE A 450 -13.72 21.93 -0.28
C ILE A 450 -14.28 21.35 1.00
N HIS A 451 -13.55 21.49 2.09
CA HIS A 451 -13.95 20.82 3.31
C HIS A 451 -15.29 21.36 3.83
N ASP A 452 -16.21 20.47 4.23
CA ASP A 452 -17.52 20.93 4.72
C ASP A 452 -17.36 22.05 5.73
N GLN A 453 -16.32 21.98 6.55
CA GLN A 453 -16.14 22.89 7.65
C GLN A 453 -15.18 24.07 7.40
N TYR A 454 -14.70 24.25 6.17
CA TYR A 454 -13.66 25.27 5.95
C TYR A 454 -14.21 26.67 5.90
N LYS A 455 -13.52 27.58 6.59
CA LYS A 455 -13.89 28.99 6.64
C LYS A 455 -12.72 29.85 6.26
N MET A 456 -11.63 29.77 7.01
CA MET A 456 -10.45 30.58 6.73
C MET A 456 -9.11 29.86 6.97
N ALA A 457 -8.09 30.23 6.20
CA ALA A 457 -6.80 29.56 6.26
C ALA A 457 -6.29 29.38 7.68
N GLU A 458 -6.44 30.42 8.48
CA GLU A 458 -5.96 30.41 9.84
C GLU A 458 -6.94 29.69 10.77
N SER A 459 -8.12 29.44 10.25
CA SER A 459 -9.00 28.46 10.80
C SER A 459 -8.39 27.24 10.20
N GLY A 460 -8.66 26.11 10.79
CA GLY A 460 -8.06 24.88 10.36
C GLY A 460 -8.27 24.20 9.04
N TYR A 461 -9.48 24.12 8.53
CA TYR A 461 -9.64 23.16 7.48
C TYR A 461 -9.20 23.53 6.11
N ASP A 462 -7.99 23.97 5.97
CA ASP A 462 -7.57 24.42 4.67
C ASP A 462 -7.04 23.31 3.84
N ILE A 463 -7.93 22.69 3.08
CA ILE A 463 -7.59 21.53 2.27
C ILE A 463 -8.62 21.43 1.15
N ALA A 464 -8.21 21.03 -0.04
CA ALA A 464 -9.17 20.78 -1.09
C ALA A 464 -8.69 19.72 -2.04
N LEU A 465 -9.66 19.05 -2.64
CA LEU A 465 -9.41 18.07 -3.68
C LEU A 465 -9.86 18.56 -5.06
N LEU A 466 -9.11 18.21 -6.09
CA LEU A 466 -9.50 18.45 -7.46
C LEU A 466 -9.71 17.10 -8.11
N LYS A 467 -10.85 16.92 -8.74
CA LYS A 467 -11.06 15.75 -9.55
C LYS A 467 -10.84 16.16 -10.97
N LEU A 468 -10.02 15.40 -11.68
CA LEU A 468 -9.71 15.72 -13.07
C LEU A 468 -10.72 15.16 -14.08
N GLU A 469 -10.92 15.91 -15.17
CA GLU A 469 -11.72 15.46 -16.28
C GLU A 469 -11.17 14.15 -16.78
N THR A 470 -9.84 14.08 -16.78
CA THR A 470 -9.09 13.06 -17.47
C THR A 470 -7.90 12.55 -16.65
N THR A 471 -7.78 11.22 -16.55
CA THR A 471 -6.74 10.55 -15.73
C THR A 471 -5.33 10.73 -16.30
N VAL A 472 -4.32 10.52 -15.45
CA VAL A 472 -2.93 10.77 -15.78
C VAL A 472 -2.20 9.49 -16.18
N ASN A 473 -1.49 9.50 -17.30
CA ASN A 473 -0.61 8.36 -17.54
C ASN A 473 0.59 8.68 -16.67
N TYR A 474 0.89 7.82 -15.70
CA TYR A 474 2.05 8.06 -14.84
C TYR A 474 3.32 7.93 -15.67
N THR A 475 4.29 8.78 -15.39
CA THR A 475 5.59 8.76 -16.08
C THR A 475 6.66 9.39 -15.19
N ASP A 476 7.93 9.08 -15.48
CA ASP A 476 9.02 9.49 -14.60
C ASP A 476 8.90 10.98 -14.34
N SER A 477 8.17 11.64 -15.24
CA SER A 477 7.85 13.05 -15.11
C SER A 477 6.63 13.37 -14.23
N GLN A 478 5.60 12.52 -14.28
CA GLN A 478 4.39 12.72 -13.48
C GLN A 478 3.96 11.47 -12.70
N ARG A 479 4.07 11.52 -11.38
CA ARG A 479 3.68 10.37 -10.55
C ARG A 479 2.93 10.82 -9.30
N PRO A 480 2.28 9.89 -8.60
CA PRO A 480 1.66 10.20 -7.31
C PRO A 480 2.64 10.31 -6.12
N ILE A 481 2.14 10.87 -5.02
CA ILE A 481 2.86 10.88 -3.76
C ILE A 481 1.95 10.25 -2.72
N CYS A 482 2.52 9.50 -1.78
CA CYS A 482 1.73 8.75 -0.80
C CYS A 482 1.19 9.66 0.26
N LEU A 483 -0.01 9.36 0.76
CA LEU A 483 -0.51 10.11 1.89
C LEU A 483 0.07 9.43 3.11
N PRO A 484 0.37 10.21 4.13
CA PRO A 484 0.78 9.67 5.42
C PRO A 484 -0.23 8.64 5.91
N SER A 485 0.23 7.49 6.36
CA SER A 485 -0.71 6.50 6.92
C SER A 485 -0.98 6.81 8.38
N LYS A 486 -2.23 6.69 8.80
CA LYS A 486 -2.66 6.99 10.16
C LYS A 486 -1.82 6.29 11.22
N GLY A 487 -1.36 5.08 10.92
CA GLY A 487 -0.46 4.37 11.81
C GLY A 487 0.88 5.05 12.08
N ASP A 488 1.22 6.02 11.24
CA ASP A 488 2.47 6.75 11.34
C ASP A 488 2.47 8.09 12.07
N ARG A 489 1.37 8.45 12.72
CA ARG A 489 1.28 9.74 13.41
C ARG A 489 2.49 10.06 14.32
N ASN A 490 3.13 9.03 14.85
CA ASN A 490 4.29 9.26 15.72
C ASN A 490 5.63 9.22 14.98
N VAL A 491 5.61 9.06 13.66
CA VAL A 491 6.86 9.06 12.89
C VAL A 491 7.53 10.38 13.05
N ILE A 492 8.86 10.39 13.13
CA ILE A 492 9.56 11.67 13.20
C ILE A 492 10.24 11.93 11.86
N TYR A 493 9.74 12.87 11.08
CA TYR A 493 10.32 13.07 9.75
C TYR A 493 11.50 14.01 9.88
N THR A 494 12.67 13.53 9.49
CA THR A 494 13.88 14.33 9.56
C THR A 494 14.35 14.92 8.23
N ASP A 495 13.69 14.53 7.14
CA ASP A 495 14.07 14.99 5.81
C ASP A 495 12.81 15.50 5.12
N CYS A 496 12.70 16.83 4.94
CA CYS A 496 11.47 17.42 4.39
C CYS A 496 11.70 18.55 3.39
N TRP A 497 10.83 18.61 2.39
CA TRP A 497 11.08 19.47 1.26
C TRP A 497 9.86 20.26 0.85
N VAL A 498 9.96 21.59 0.91
CA VAL A 498 8.94 22.40 0.25
C VAL A 498 9.38 22.75 -1.16
N THR A 499 8.48 22.52 -2.10
CA THR A 499 8.70 22.78 -3.52
C THR A 499 7.63 23.76 -3.90
N GLY A 500 7.80 24.37 -5.07
CA GLY A 500 6.81 25.27 -5.63
C GLY A 500 7.37 26.45 -6.42
N TRP A 501 6.47 27.32 -6.85
CA TRP A 501 6.83 28.50 -7.60
C TRP A 501 6.87 29.84 -6.83
N GLY A 502 6.67 29.77 -5.52
CA GLY A 502 6.89 30.93 -4.66
C GLY A 502 5.72 31.86 -4.52
N TYR A 503 4.53 31.40 -4.90
CA TYR A 503 3.36 32.25 -4.82
C TYR A 503 2.64 32.05 -3.48
N ARG A 504 2.86 32.98 -2.54
CA ARG A 504 2.00 33.16 -1.37
C ARG A 504 1.01 34.34 -1.49
N LYS A 505 1.12 35.09 -2.60
CA LYS A 505 0.21 36.19 -3.00
C LYS A 505 0.80 36.85 -4.25
N LEU A 506 -0.01 37.63 -4.98
CA LEU A 506 0.42 38.27 -6.23
C LEU A 506 1.67 39.10 -6.00
N ARG A 507 1.64 39.84 -4.90
CA ARG A 507 2.84 40.31 -4.27
C ARG A 507 2.85 39.50 -2.99
N ASP A 508 3.82 38.58 -2.84
CA ASP A 508 5.06 38.50 -3.63
C ASP A 508 4.98 38.11 -5.10
N LYS A 509 6.04 38.45 -5.83
CA LYS A 509 6.15 38.11 -7.24
C LYS A 509 6.31 36.60 -7.35
N ILE A 510 6.51 36.09 -8.56
CA ILE A 510 6.50 34.64 -8.80
C ILE A 510 7.86 34.06 -9.19
N GLN A 511 7.92 32.76 -9.48
CA GLN A 511 9.16 32.13 -9.92
C GLN A 511 8.99 31.34 -11.20
N ASN A 512 10.06 31.30 -12.00
CA ASN A 512 10.03 30.62 -13.31
C ASN A 512 10.44 29.15 -13.27
N THR A 513 11.67 28.89 -12.89
CA THR A 513 12.08 27.50 -12.73
C THR A 513 11.63 27.03 -11.36
N LEU A 514 11.05 25.84 -11.29
CA LEU A 514 10.58 25.29 -10.03
C LEU A 514 11.66 25.32 -8.94
N GLN A 515 11.29 25.82 -7.76
CA GLN A 515 12.22 25.93 -6.66
C GLN A 515 12.04 24.82 -5.62
N LYS A 516 13.15 24.37 -5.03
CA LYS A 516 13.16 23.33 -3.99
C LYS A 516 14.05 23.70 -2.81
N ALA A 517 13.48 23.59 -1.61
CA ALA A 517 14.18 23.92 -0.38
C ALA A 517 13.91 22.84 0.70
N LYS A 518 14.95 22.15 1.19
CA LYS A 518 14.78 21.22 2.33
C LYS A 518 14.54 21.99 3.61
N ILE A 519 13.52 21.61 4.37
CA ILE A 519 13.11 22.40 5.52
C ILE A 519 12.91 21.50 6.73
N PRO A 520 13.31 21.99 7.91
CA PRO A 520 13.09 21.21 9.14
C PRO A 520 11.65 21.34 9.55
N LEU A 521 11.05 20.27 10.08
CA LEU A 521 9.74 20.40 10.72
C LEU A 521 9.96 21.22 11.99
N VAL A 522 8.92 21.84 12.53
CA VAL A 522 9.01 22.39 13.87
C VAL A 522 7.78 21.95 14.65
N THR A 523 7.94 21.73 15.95
CA THR A 523 6.85 21.18 16.74
C THR A 523 5.69 22.16 16.81
N ASN A 524 4.48 21.63 16.89
CA ASN A 524 3.31 22.48 17.07
C ASN A 524 3.59 23.45 18.20
N GLU A 525 3.76 22.92 19.40
CA GLU A 525 3.92 23.80 20.57
C GLU A 525 5.00 24.90 20.37
N GLU A 526 6.13 24.57 19.77
CA GLU A 526 7.16 25.58 19.47
C GLU A 526 6.58 26.55 18.46
N CYS A 527 5.78 26.03 17.55
CA CYS A 527 5.11 26.88 16.58
C CYS A 527 4.09 27.79 17.26
N GLN A 528 3.30 27.22 18.17
CA GLN A 528 2.31 27.99 18.92
C GLN A 528 2.92 29.23 19.60
N LYS A 529 4.21 29.15 19.93
CA LYS A 529 4.92 30.25 20.59
C LYS A 529 5.26 31.41 19.67
N ARG A 530 5.53 31.10 18.40
CA ARG A 530 5.81 32.14 17.42
C ARG A 530 4.54 32.81 16.97
N TYR A 531 3.37 32.14 17.17
CA TYR A 531 2.10 32.75 16.78
C TYR A 531 1.19 32.96 17.97
N ARG A 532 1.21 34.17 18.39
CA ARG A 532 0.33 34.53 19.51
C ARG A 532 -1.08 34.90 19.05
N GLY A 533 -1.16 35.70 17.98
CA GLY A 533 -2.42 36.20 17.47
C GLY A 533 -3.36 35.08 17.04
N HIS A 534 -2.78 33.93 16.72
CA HIS A 534 -3.56 32.83 16.18
C HIS A 534 -3.37 31.54 16.97
N LYS A 535 -4.37 30.67 16.94
CA LYS A 535 -4.29 29.30 17.48
C LYS A 535 -3.55 28.36 16.51
N ILE A 536 -2.97 27.28 17.02
CA ILE A 536 -2.46 26.23 16.13
C ILE A 536 -2.99 24.84 16.50
N THR A 537 -3.86 24.29 15.66
CA THR A 537 -4.58 23.04 15.93
C THR A 537 -3.75 21.76 15.74
N HIS A 538 -4.23 20.65 16.29
CA HIS A 538 -3.60 19.34 16.09
C HIS A 538 -3.66 18.98 14.61
N LYS A 539 -4.49 19.75 13.88
CA LYS A 539 -4.64 19.63 12.45
C LYS A 539 -3.73 20.58 11.68
N MET A 540 -2.79 21.21 12.37
CA MET A 540 -1.79 22.03 11.70
C MET A 540 -0.38 21.64 12.07
N ILE A 541 0.54 21.75 11.11
CA ILE A 541 1.96 21.44 11.32
C ILE A 541 2.75 22.57 10.76
N CYS A 542 3.90 22.86 11.37
CA CYS A 542 4.71 24.00 10.95
C CYS A 542 6.09 23.57 10.43
N ALA A 543 6.88 24.53 9.97
CA ALA A 543 8.24 24.25 9.51
C ALA A 543 8.96 25.54 9.05
N GLY A 544 10.28 25.47 8.87
CA GLY A 544 11.06 26.65 8.55
C GLY A 544 12.45 26.58 9.16
N TYR A 545 13.12 27.73 9.21
CA TYR A 545 14.42 27.85 9.86
C TYR A 545 15.50 27.14 9.07
N CYS A 553 11.68 29.00 2.09
CA CYS A 553 10.25 28.92 1.88
C CYS A 553 9.98 29.41 0.48
N LYS A 554 10.20 28.53 -0.47
CA LYS A 554 10.06 28.87 -1.88
C LYS A 554 8.70 28.38 -2.34
N GLY A 555 7.85 27.98 -1.40
CA GLY A 555 6.62 27.31 -1.78
C GLY A 555 5.43 28.23 -1.98
N ASP A 556 4.43 27.76 -2.74
CA ASP A 556 3.21 28.52 -2.93
C ASP A 556 2.09 28.02 -2.04
N SER A 557 0.94 28.67 -2.16
CA SER A 557 -0.28 28.23 -1.51
C SER A 557 -0.68 26.88 -2.09
N GLY A 558 -1.21 25.99 -1.25
CA GLY A 558 -1.69 24.69 -1.70
C GLY A 558 -0.58 23.75 -2.12
N GLY A 559 0.67 24.20 -1.91
CA GLY A 559 1.85 23.44 -2.27
C GLY A 559 2.24 22.37 -1.25
N PRO A 560 2.93 21.35 -1.72
CA PRO A 560 3.28 20.18 -0.92
C PRO A 560 4.41 20.40 0.06
N LEU A 561 4.26 19.82 1.25
CA LEU A 561 5.39 19.52 2.13
C LEU A 561 5.73 18.02 2.06
N SER A 562 6.80 17.70 1.35
CA SER A 562 7.13 16.32 1.07
C SER A 562 8.19 15.80 2.03
N CYS A 563 7.82 14.86 2.88
CA CYS A 563 8.83 14.21 3.73
C CYS A 563 9.29 12.82 3.26
N LYS A 564 10.60 12.64 3.16
CA LYS A 564 11.16 11.36 2.73
C LYS A 564 11.47 10.49 3.94
N HIS A 565 10.87 9.30 3.96
CA HIS A 565 11.05 8.35 5.04
C HIS A 565 11.22 6.94 4.46
N ASN A 566 12.22 6.23 4.94
CA ASN A 566 12.47 4.86 4.47
C ASN A 566 12.36 4.74 2.96
N GLU A 567 13.01 5.65 2.21
CA GLU A 567 12.99 5.62 0.74
C GLU A 567 11.60 5.77 0.10
N VAL A 568 10.68 6.45 0.78
CA VAL A 568 9.38 6.75 0.20
C VAL A 568 9.07 8.22 0.46
N TRP A 569 8.36 8.87 -0.45
CA TRP A 569 7.91 10.25 -0.20
C TRP A 569 6.50 10.27 0.35
N HIS A 570 6.29 11.03 1.42
CA HIS A 570 4.96 11.21 2.03
C HIS A 570 4.52 12.65 1.87
N LEU A 571 3.22 12.90 1.79
CA LEU A 571 2.77 14.30 1.75
C LEU A 571 2.30 14.61 3.15
N VAL A 572 3.18 15.24 3.92
CA VAL A 572 2.93 15.40 5.32
C VAL A 572 2.02 16.59 5.52
N GLY A 573 2.23 17.63 4.72
CA GLY A 573 1.45 18.84 4.84
C GLY A 573 1.26 19.59 3.55
N ILE A 574 0.24 20.45 3.54
CA ILE A 574 -0.10 21.34 2.42
C ILE A 574 0.06 22.81 2.85
N THR A 575 0.78 23.61 2.07
CA THR A 575 1.09 24.97 2.46
C THR A 575 -0.15 25.79 2.54
N SER A 576 -0.43 26.34 3.71
CA SER A 576 -1.72 26.98 3.93
C SER A 576 -1.52 28.46 4.25
N TRP A 577 -1.10 28.80 5.47
CA TRP A 577 -0.70 30.17 5.73
C TRP A 577 0.52 30.30 6.62
N GLY A 578 1.60 30.79 6.06
CA GLY A 578 2.75 31.09 6.85
C GLY A 578 2.99 32.56 6.66
N GLU A 579 2.82 33.32 7.71
CA GLU A 579 3.10 34.73 7.61
C GLU A 579 4.29 35.04 8.48
N GLY A 580 5.41 35.44 7.90
CA GLY A 580 5.65 35.55 6.48
C GLY A 580 7.11 35.21 6.48
N CYS A 581 7.79 35.07 5.36
CA CYS A 581 9.17 34.66 5.49
C CYS A 581 9.65 35.65 6.53
N ALA A 582 10.28 35.15 7.58
CA ALA A 582 10.69 35.99 8.70
C ALA A 582 11.71 35.29 9.60
N GLU A 585 12.71 34.51 13.41
CA GLU A 585 12.08 33.97 12.20
C GLU A 585 10.72 33.38 12.58
N ARG A 586 9.84 33.23 11.59
CA ARG A 586 8.60 32.47 11.82
C ARG A 586 8.33 31.46 10.75
N PRO A 587 7.98 30.27 11.17
CA PRO A 587 7.69 29.15 10.28
C PRO A 587 6.37 29.24 9.55
N GLY A 588 6.29 28.54 8.43
CA GLY A 588 5.04 28.38 7.72
C GLY A 588 4.15 27.46 8.52
N VAL A 589 2.85 27.73 8.48
CA VAL A 589 1.89 26.80 9.03
C VAL A 589 1.29 25.99 7.88
N TYR A 590 1.20 24.68 8.06
CA TYR A 590 0.70 23.81 7.00
C TYR A 590 -0.50 23.05 7.52
N THR A 591 -1.30 22.49 6.60
CA THR A 591 -2.35 21.57 6.99
C THR A 591 -1.78 20.18 7.27
N ASN A 592 -2.39 19.46 8.20
CA ASN A 592 -1.83 18.18 8.63
C ASN A 592 -2.56 17.08 7.90
N VAL A 593 -1.93 16.57 6.85
CA VAL A 593 -2.63 15.69 5.93
C VAL A 593 -3.10 14.44 6.67
N VAL A 594 -2.22 13.89 7.51
CA VAL A 594 -2.51 12.67 8.25
C VAL A 594 -3.88 12.84 8.84
N GLU A 595 -4.07 13.98 9.47
CA GLU A 595 -5.30 14.28 10.16
C GLU A 595 -6.55 14.35 9.27
N TYR A 596 -6.36 14.47 7.96
CA TYR A 596 -7.43 14.40 6.98
C TYR A 596 -7.60 13.07 6.22
N VAL A 597 -6.83 12.02 6.58
CA VAL A 597 -6.88 10.76 5.82
C VAL A 597 -8.31 10.20 5.64
N ASP A 598 -9.03 9.98 6.74
CA ASP A 598 -10.40 9.46 6.65
C ASP A 598 -11.20 10.31 5.67
N TRP A 599 -11.05 11.63 5.78
CA TRP A 599 -11.72 12.55 4.88
C TRP A 599 -11.35 12.39 3.40
N ILE A 600 -10.05 12.34 3.09
CA ILE A 600 -9.63 12.15 1.70
C ILE A 600 -10.13 10.81 1.15
N LEU A 601 -10.05 9.77 1.96
CA LEU A 601 -10.44 8.45 1.50
C LEU A 601 -11.92 8.36 1.17
N GLU A 602 -12.77 8.77 2.11
CA GLU A 602 -14.21 8.85 1.86
C GLU A 602 -14.53 9.64 0.56
N LYS A 603 -13.81 10.73 0.30
CA LYS A 603 -14.05 11.53 -0.90
C LYS A 603 -13.56 10.86 -2.18
N THR A 604 -12.36 10.27 -2.14
CA THR A 604 -11.80 9.55 -3.32
C THR A 604 -12.22 8.09 -3.48
N GLN A 605 -12.61 7.47 -2.38
CA GLN A 605 -12.79 6.02 -2.32
C GLN A 605 -11.51 5.29 -2.73
N ASN B 1 -8.87 -17.79 25.59
CA ASN B 1 -10.07 -17.17 25.05
C ASN B 1 -11.26 -18.14 24.86
N PRO B 2 -12.31 -17.94 25.68
CA PRO B 2 -13.56 -18.72 25.74
C PRO B 2 -14.54 -18.50 24.56
N ILE B 3 -14.40 -17.40 23.83
CA ILE B 3 -15.50 -16.79 23.06
C ILE B 3 -16.29 -17.76 22.16
N SER B 4 -17.61 -17.71 22.27
CA SER B 4 -18.49 -18.72 21.68
C SER B 4 -19.15 -18.29 20.36
N ASP B 5 -19.33 -19.25 19.46
CA ASP B 5 -19.92 -18.99 18.17
C ASP B 5 -21.40 -18.70 18.30
N PHE B 6 -21.93 -17.84 17.45
CA PHE B 6 -23.35 -17.58 17.44
C PHE B 6 -24.16 -18.87 17.31
N PRO B 7 -25.23 -19.00 18.13
CA PRO B 7 -26.10 -20.16 18.06
C PRO B 7 -26.63 -20.27 16.66
N ASP B 8 -26.90 -21.48 16.19
CA ASP B 8 -27.46 -21.62 14.87
C ASP B 8 -28.76 -20.80 14.78
C1 NAG C . -23.32 -25.04 -22.62
C2 NAG C . -23.38 -23.95 -23.70
C3 NAG C . -22.81 -24.45 -25.02
C4 NAG C . -21.49 -25.17 -24.78
C5 NAG C . -21.71 -26.30 -23.81
C6 NAG C . -20.45 -27.13 -23.62
C7 NAG C . -25.25 -22.39 -23.34
C8 NAG C . -26.69 -22.09 -23.60
N2 NAG C . -24.76 -23.52 -23.87
O3 NAG C . -22.67 -23.38 -25.93
O4 NAG C . -20.98 -25.70 -25.99
O5 NAG C . -22.11 -25.76 -22.58
O6 NAG C . -20.05 -27.67 -24.85
O7 NAG C . -24.56 -21.61 -22.67
C1 NAG D . -12.65 -5.14 22.99
C2 NAG D . -12.81 -3.71 23.51
C3 NAG D . -12.37 -3.52 24.98
C4 NAG D . -12.55 -4.76 25.85
C5 NAG D . -12.13 -6.04 25.16
C6 NAG D . -12.39 -7.25 26.06
C7 NAG D . -10.97 -3.03 21.89
C8 NAG D . -9.87 -2.00 22.06
N2 NAG D . -12.13 -2.80 22.55
O3 NAG D . -13.04 -2.46 25.66
O4 NAG D . -11.74 -4.64 27.00
O5 NAG D . -12.86 -6.16 23.95
O6 NAG D . -11.22 -8.01 26.13
O7 NAG D . -10.75 -4.00 21.17
C1 NAG E . 14.01 29.17 -19.89
C2 NAG E . 14.85 30.30 -19.28
C3 NAG E . 16.31 29.88 -19.17
C4 NAG E . 16.46 28.49 -18.56
C5 NAG E . 15.55 27.48 -19.28
C6 NAG E . 15.65 26.08 -18.67
C7 NAG E . 13.75 32.41 -19.92
C8 NAG E . 12.96 32.81 -21.14
N2 NAG E . 14.73 31.51 -20.09
O3 NAG E . 17.02 30.82 -18.38
O4 NAG E . 17.82 28.09 -18.63
O5 NAG E . 14.21 27.93 -19.22
O6 NAG E . 14.52 25.31 -19.03
O7 NAG E . 13.45 32.90 -18.82
#